data_5WZJ
#
_entry.id   5WZJ
#
_cell.length_a   188.319
_cell.length_b   188.319
_cell.length_c   45.383
_cell.angle_alpha   90.000
_cell.angle_beta   90.000
_cell.angle_gamma   120.000
#
_symmetry.space_group_name_H-M   'P 65'
#
loop_
_entity.id
_entity.type
_entity.pdbx_description
1 polymer 'Pumilio homolog 23'
2 polymer "RNA (5'-R(*GP*GP*AP*UP*UP*UP*GP*AP*CP*GP*G)-3')"
3 water water
#
loop_
_entity_poly.entity_id
_entity_poly.type
_entity_poly.pdbx_seq_one_letter_code
_entity_poly.pdbx_strand_id
1 'polypeptide(L)'
;MGSSHHHHHHMRKEIDPETSKYFSEIANLFDSNEVELEERSVICGNALEETRGREYEIATDYIISHVLQTLLEGCELDQL
CSFIRNSASVFPAIAMDRSGSHVAESALKSLATHLENPDAYSVIEEALHSICKVIVDNPLDMMCNCYGSHVLRRLLCLCK
GVSLDSPELYGAKSSKALAKRLNLKMSQLDDNNLEIPHQGFPGMLTYLLSGLLSCSREDMKYLQVDQYSSLVLQTALRLM
LKQDEQLLEIIPLILRCNSTNKKVEGFHIETNVAKEILESMKDNSFSHLVEVILEVAPESLYNEMFNKVFKNSLFELSVD
RCANFVIQALISHARDQEQMGIMWEELAPRFKDLLEQGKSGVVASLIAVSQRLQSHENKCCEALVGAVCSTNESRISILP
RLLFLDYYFGCRDKSTWEWAPGAKMHVMGCLILQGIFKFSSDHIQPYITSLTSMKAEYITETAKDSSGARVIEAFLASDA
ATKQKRRLIIKLRGHFGELSLHTSGSFTVEKCFDACNLTLREAIASELLDVKVDLSKTKQGPYLLRKLDIDGYASRPDQW
KSRQEAKQSTYNEFCSAFGSNK
;
A
2 'polyribonucleotide' GGAUUUGACGG B
#
loop_
_chem_comp.id
_chem_comp.type
_chem_comp.name
_chem_comp.formula
A RNA linking ADENOSINE-5'-MONOPHOSPHATE 'C10 H14 N5 O7 P'
C RNA linking CYTIDINE-5'-MONOPHOSPHATE 'C9 H14 N3 O8 P'
G RNA linking GUANOSINE-5'-MONOPHOSPHATE 'C10 H14 N5 O8 P'
U RNA linking URIDINE-5'-MONOPHOSPHATE 'C9 H13 N2 O9 P'
#
# COMPACT_ATOMS: atom_id res chain seq x y z
N ILE A 15 -36.03 -17.59 -16.94
CA ILE A 15 -36.38 -16.19 -17.08
C ILE A 15 -37.16 -15.96 -18.39
N ASP A 16 -38.43 -15.58 -18.26
CA ASP A 16 -39.30 -15.41 -19.42
C ASP A 16 -39.06 -14.05 -20.09
N PRO A 17 -39.55 -13.88 -21.32
CA PRO A 17 -39.33 -12.59 -22.01
C PRO A 17 -40.07 -11.43 -21.38
N GLU A 18 -41.19 -11.66 -20.68
CA GLU A 18 -41.84 -10.56 -19.96
C GLU A 18 -40.90 -10.00 -18.90
N THR A 19 -40.24 -10.88 -18.14
CA THR A 19 -39.30 -10.41 -17.12
C THR A 19 -38.13 -9.65 -17.75
N SER A 20 -37.54 -10.21 -18.81
CA SER A 20 -36.48 -9.51 -19.54
C SER A 20 -36.94 -8.14 -19.99
N LYS A 21 -38.10 -8.08 -20.65
CA LYS A 21 -38.59 -6.80 -21.15
C LYS A 21 -38.79 -5.83 -20.01
N TYR A 22 -39.35 -6.30 -18.89
CA TYR A 22 -39.60 -5.39 -17.77
C TYR A 22 -38.31 -4.72 -17.30
N PHE A 23 -37.27 -5.52 -17.01
CA PHE A 23 -36.05 -4.92 -16.47
C PHE A 23 -35.29 -4.12 -17.52
N SER A 24 -35.34 -4.53 -18.78
CA SER A 24 -34.69 -3.76 -19.83
C SER A 24 -35.37 -2.42 -20.03
N GLU A 25 -36.69 -2.38 -19.90
CA GLU A 25 -37.42 -1.12 -20.05
C GLU A 25 -37.13 -0.18 -18.89
N ILE A 26 -36.99 -0.74 -17.68
CA ILE A 26 -36.53 0.06 -16.55
C ILE A 26 -35.17 0.66 -16.84
N ALA A 27 -34.24 -0.16 -17.34
CA ALA A 27 -32.89 0.32 -17.60
C ALA A 27 -32.88 1.45 -18.63
N ASN A 28 -33.61 1.26 -19.74
CA ASN A 28 -33.69 2.32 -20.75
C ASN A 28 -34.32 3.58 -20.18
N LEU A 29 -35.33 3.42 -19.32
CA LEU A 29 -35.94 4.57 -18.68
C LEU A 29 -34.91 5.39 -17.90
N PHE A 30 -33.91 4.74 -17.29
CA PHE A 30 -32.89 5.50 -16.57
C PHE A 30 -31.84 6.07 -17.52
N ASP A 31 -31.52 5.37 -18.62
CA ASP A 31 -30.58 5.93 -19.60
C ASP A 31 -31.09 7.26 -20.15
N SER A 32 -32.40 7.38 -20.37
CA SER A 32 -33.01 8.69 -20.56
C SER A 32 -33.10 9.39 -19.20
N ASN A 33 -32.87 10.70 -19.20
CA ASN A 33 -32.94 11.48 -17.98
C ASN A 33 -34.26 12.22 -17.85
N GLU A 34 -35.33 11.64 -18.40
CA GLU A 34 -36.67 12.23 -18.25
C GLU A 34 -37.16 12.14 -16.81
N VAL A 35 -36.46 11.41 -15.93
CA VAL A 35 -36.93 11.09 -14.60
C VAL A 35 -36.04 11.77 -13.55
N GLU A 36 -36.67 12.44 -12.59
CA GLU A 36 -35.96 13.15 -11.54
C GLU A 36 -35.44 12.17 -10.48
N LEU A 37 -34.57 12.67 -9.60
CA LEU A 37 -33.89 11.80 -8.65
C LEU A 37 -34.88 11.13 -7.68
N GLU A 38 -35.87 11.89 -7.21
CA GLU A 38 -36.84 11.32 -6.28
C GLU A 38 -37.69 10.24 -6.94
N GLU A 39 -38.19 10.49 -8.15
CA GLU A 39 -38.96 9.48 -8.87
C GLU A 39 -38.11 8.25 -9.17
N ARG A 40 -36.85 8.46 -9.54
CA ARG A 40 -35.94 7.38 -9.86
C ARG A 40 -35.80 6.39 -8.70
N SER A 41 -35.59 6.90 -7.49
CA SER A 41 -35.40 6.00 -6.37
C SER A 41 -36.69 5.24 -6.03
N VAL A 42 -37.84 5.86 -6.27
CA VAL A 42 -39.10 5.15 -6.08
C VAL A 42 -39.25 4.03 -7.10
N ILE A 43 -38.92 4.30 -8.37
CA ILE A 43 -38.99 3.26 -9.39
C ILE A 43 -38.00 2.12 -9.08
N CYS A 44 -36.79 2.47 -8.66
CA CYS A 44 -35.83 1.43 -8.26
C CYS A 44 -36.44 0.51 -7.20
N GLY A 45 -37.14 1.08 -6.23
CA GLY A 45 -37.73 0.25 -5.17
C GLY A 45 -38.88 -0.60 -5.68
N ASN A 46 -39.75 -0.03 -6.52
CA ASN A 46 -40.81 -0.84 -7.12
C ASN A 46 -40.24 -2.00 -7.93
N ALA A 47 -39.17 -1.74 -8.68
CA ALA A 47 -38.62 -2.80 -9.52
C ALA A 47 -38.01 -3.91 -8.67
N LEU A 48 -37.41 -3.57 -7.53
CA LEU A 48 -36.89 -4.60 -6.65
C LEU A 48 -37.99 -5.57 -6.22
N GLU A 49 -39.22 -5.07 -6.04
CA GLU A 49 -40.32 -5.97 -5.67
C GLU A 49 -40.54 -7.04 -6.72
N GLU A 50 -40.25 -6.74 -7.99
CA GLU A 50 -40.43 -7.73 -9.04
C GLU A 50 -39.39 -8.84 -9.00
N THR A 51 -38.39 -8.76 -8.10
CA THR A 51 -37.46 -9.86 -7.95
C THR A 51 -37.90 -10.86 -6.87
N ARG A 52 -38.97 -10.60 -6.14
CA ARG A 52 -39.32 -11.46 -5.01
C ARG A 52 -39.60 -12.89 -5.49
N GLY A 53 -39.04 -13.86 -4.77
CA GLY A 53 -39.19 -15.25 -5.15
C GLY A 53 -38.28 -15.72 -6.28
N ARG A 54 -37.47 -14.85 -6.85
CA ARG A 54 -36.55 -15.27 -7.91
C ARG A 54 -35.29 -14.43 -7.87
N GLU A 55 -34.88 -14.04 -6.65
CA GLU A 55 -33.67 -13.25 -6.48
C GLU A 55 -32.46 -13.94 -7.13
N TYR A 56 -32.32 -15.25 -6.95
CA TYR A 56 -31.14 -15.93 -7.48
C TYR A 56 -31.12 -15.89 -9.00
N GLU A 57 -32.26 -16.20 -9.62
CA GLU A 57 -32.34 -16.25 -11.08
C GLU A 57 -32.06 -14.88 -11.68
N ILE A 58 -32.61 -13.83 -11.08
CA ILE A 58 -32.40 -12.51 -11.68
C ILE A 58 -30.98 -11.99 -11.41
N ALA A 59 -30.48 -12.20 -10.20
CA ALA A 59 -29.16 -11.65 -9.86
C ALA A 59 -28.04 -12.36 -10.59
N THR A 60 -28.23 -13.61 -10.98
CA THR A 60 -27.20 -14.33 -11.69
C THR A 60 -27.41 -14.30 -13.21
N ASP A 61 -28.42 -13.60 -13.69
CA ASP A 61 -28.58 -13.52 -15.14
C ASP A 61 -27.47 -12.65 -15.72
N TYR A 62 -26.87 -13.10 -16.83
CA TYR A 62 -25.69 -12.40 -17.33
C TYR A 62 -26.03 -11.00 -17.84
N ILE A 63 -27.28 -10.73 -18.19
CA ILE A 63 -27.68 -9.39 -18.61
C ILE A 63 -28.40 -8.65 -17.49
N ILE A 64 -29.41 -9.26 -16.88
CA ILE A 64 -30.23 -8.51 -15.95
C ILE A 64 -29.48 -8.21 -14.65
N SER A 65 -28.45 -8.98 -14.32
CA SER A 65 -27.66 -8.69 -13.10
C SER A 65 -27.21 -7.24 -13.09
N HIS A 66 -26.84 -6.71 -14.26
CA HIS A 66 -26.40 -5.33 -14.34
C HIS A 66 -27.53 -4.35 -14.02
N VAL A 67 -28.75 -4.65 -14.47
CA VAL A 67 -29.89 -3.79 -14.12
C VAL A 67 -30.15 -3.84 -12.63
N LEU A 68 -30.07 -5.04 -12.04
CA LEU A 68 -30.33 -5.17 -10.60
C LEU A 68 -29.30 -4.37 -9.80
N GLN A 69 -28.05 -4.33 -10.26
CA GLN A 69 -27.05 -3.46 -9.61
C GLN A 69 -27.51 -2.02 -9.59
N THR A 70 -27.99 -1.53 -10.74
CA THR A 70 -28.50 -0.17 -10.82
C THR A 70 -29.65 0.06 -9.85
N LEU A 71 -30.59 -0.90 -9.79
CA LEU A 71 -31.72 -0.76 -8.86
C LEU A 71 -31.26 -0.70 -7.40
N LEU A 72 -30.29 -1.55 -7.03
CA LEU A 72 -29.88 -1.61 -5.63
C LEU A 72 -29.15 -0.34 -5.22
N GLU A 73 -28.38 0.25 -6.11
CA GLU A 73 -27.67 1.48 -5.80
C GLU A 73 -28.53 2.73 -5.95
N GLY A 74 -29.73 2.61 -6.52
CA GLY A 74 -30.58 3.77 -6.73
C GLY A 74 -31.76 3.82 -5.78
N CYS A 75 -32.03 2.74 -5.06
CA CYS A 75 -33.21 2.64 -4.22
C CYS A 75 -32.93 3.23 -2.85
N GLU A 76 -33.96 3.32 -2.03
CA GLU A 76 -33.82 3.82 -0.67
C GLU A 76 -33.61 2.66 0.31
N LEU A 77 -33.30 3.03 1.55
CA LEU A 77 -32.82 2.06 2.54
C LEU A 77 -33.83 0.96 2.81
N ASP A 78 -35.11 1.33 2.98
CA ASP A 78 -36.11 0.32 3.33
C ASP A 78 -36.22 -0.75 2.26
N GLN A 79 -36.24 -0.34 0.99
CA GLN A 79 -36.40 -1.30 -0.10
C GLN A 79 -35.14 -2.15 -0.25
N LEU A 80 -33.97 -1.53 -0.05
CA LEU A 80 -32.71 -2.27 -0.06
C LEU A 80 -32.72 -3.36 1.00
N CYS A 81 -33.07 -3.00 2.25
CA CYS A 81 -33.08 -3.98 3.33
C CYS A 81 -34.09 -5.08 3.08
N SER A 82 -35.24 -4.73 2.47
N SER A 82 -35.24 -4.73 2.47
CA SER A 82 -36.22 -5.75 2.12
CA SER A 82 -36.21 -5.75 2.13
C SER A 82 -35.65 -6.72 1.09
C SER A 82 -35.66 -6.72 1.08
N PHE A 83 -34.90 -6.20 0.10
CA PHE A 83 -34.29 -7.08 -0.89
C PHE A 83 -33.29 -8.01 -0.22
N ILE A 84 -32.44 -7.46 0.64
CA ILE A 84 -31.45 -8.27 1.34
C ILE A 84 -32.12 -9.33 2.20
N ARG A 85 -33.18 -8.94 2.92
CA ARG A 85 -33.89 -9.89 3.77
C ARG A 85 -34.52 -10.99 2.94
N ASN A 86 -35.15 -10.64 1.81
CA ASN A 86 -35.81 -11.63 0.99
C ASN A 86 -34.83 -12.51 0.22
N SER A 87 -33.61 -12.05 -0.01
CA SER A 87 -32.65 -12.86 -0.75
C SER A 87 -31.65 -13.57 0.15
N ALA A 88 -31.79 -13.45 1.48
CA ALA A 88 -30.73 -13.93 2.37
C ALA A 88 -30.49 -15.42 2.21
N SER A 89 -31.55 -16.21 2.01
CA SER A 89 -31.37 -17.65 1.94
C SER A 89 -30.62 -18.09 0.68
N VAL A 90 -30.54 -17.23 -0.33
CA VAL A 90 -29.78 -17.54 -1.53
C VAL A 90 -28.57 -16.63 -1.70
N PHE A 91 -28.29 -15.79 -0.69
CA PHE A 91 -27.17 -14.87 -0.81
C PHE A 91 -25.83 -15.57 -1.07
N PRO A 92 -25.49 -16.68 -0.42
CA PRO A 92 -24.20 -17.34 -0.74
C PRO A 92 -24.11 -17.80 -2.19
N ALA A 93 -25.19 -18.36 -2.73
CA ALA A 93 -25.19 -18.74 -4.15
C ALA A 93 -25.09 -17.52 -5.06
N ILE A 94 -25.80 -16.43 -4.72
CA ILE A 94 -25.64 -15.21 -5.50
C ILE A 94 -24.19 -14.73 -5.43
N ALA A 95 -23.64 -14.67 -4.22
CA ALA A 95 -22.30 -14.14 -4.00
C ALA A 95 -21.22 -14.96 -4.68
N MET A 96 -21.43 -16.24 -4.93
CA MET A 96 -20.42 -17.08 -5.55
C MET A 96 -20.60 -17.18 -7.05
N ASP A 97 -21.50 -16.40 -7.62
CA ASP A 97 -21.75 -16.39 -9.06
C ASP A 97 -20.94 -15.29 -9.74
N ARG A 98 -20.49 -15.57 -10.98
CA ARG A 98 -19.65 -14.60 -11.69
C ARG A 98 -20.36 -13.27 -11.93
N SER A 99 -21.69 -13.29 -12.16
CA SER A 99 -22.47 -12.05 -12.23
C SER A 99 -23.09 -11.70 -10.90
N GLY A 100 -23.67 -12.68 -10.21
CA GLY A 100 -24.39 -12.38 -8.98
C GLY A 100 -23.51 -11.74 -7.92
N SER A 101 -22.21 -12.04 -7.93
CA SER A 101 -21.33 -11.45 -6.92
C SER A 101 -21.30 -9.92 -7.01
N HIS A 102 -21.43 -9.37 -8.22
CA HIS A 102 -21.45 -7.91 -8.34
C HIS A 102 -22.78 -7.33 -7.86
N VAL A 103 -23.86 -8.10 -8.01
CA VAL A 103 -25.15 -7.72 -7.40
C VAL A 103 -25.03 -7.69 -5.88
N ALA A 104 -24.44 -8.76 -5.31
CA ALA A 104 -24.24 -8.79 -3.86
C ALA A 104 -23.39 -7.60 -3.39
N GLU A 105 -22.33 -7.28 -4.13
CA GLU A 105 -21.48 -6.16 -3.71
C GLU A 105 -22.19 -4.83 -3.89
N SER A 106 -23.05 -4.70 -4.91
CA SER A 106 -23.84 -3.49 -5.06
C SER A 106 -24.79 -3.32 -3.87
N ALA A 107 -25.34 -4.42 -3.36
CA ALA A 107 -26.18 -4.32 -2.17
C ALA A 107 -25.38 -3.81 -0.98
N LEU A 108 -24.13 -4.29 -0.83
CA LEU A 108 -23.29 -3.86 0.27
C LEU A 108 -22.88 -2.39 0.11
N LYS A 109 -22.47 -1.99 -1.10
CA LYS A 109 -22.12 -0.59 -1.33
C LYS A 109 -23.28 0.33 -1.04
N SER A 110 -24.49 -0.09 -1.42
CA SER A 110 -25.69 0.70 -1.19
C SER A 110 -25.98 0.83 0.31
N LEU A 111 -25.85 -0.27 1.07
CA LEU A 111 -25.95 -0.18 2.52
C LEU A 111 -24.93 0.79 3.09
N ALA A 112 -23.70 0.72 2.59
CA ALA A 112 -22.63 1.56 3.07
C ALA A 112 -22.92 3.04 2.90
N THR A 113 -23.76 3.42 1.91
CA THR A 113 -24.07 4.85 1.74
C THR A 113 -24.90 5.39 2.91
N HIS A 114 -25.48 4.53 3.74
CA HIS A 114 -26.32 4.97 4.86
C HIS A 114 -25.58 4.95 6.19
N LEU A 115 -24.31 4.55 6.21
CA LEU A 115 -23.57 4.45 7.47
C LEU A 115 -23.59 5.77 8.24
N GLU A 116 -23.46 6.90 7.54
CA GLU A 116 -23.38 8.18 8.22
C GLU A 116 -24.73 8.64 8.79
N ASN A 117 -25.81 7.92 8.50
CA ASN A 117 -27.13 8.29 9.02
C ASN A 117 -27.37 7.57 10.35
N PRO A 118 -27.42 8.28 11.48
CA PRO A 118 -27.61 7.59 12.77
C PRO A 118 -28.95 6.91 12.89
N ASP A 119 -29.98 7.42 12.20
CA ASP A 119 -31.28 6.76 12.21
C ASP A 119 -31.27 5.41 11.51
N ALA A 120 -30.24 5.11 10.72
CA ALA A 120 -30.21 3.89 9.93
C ALA A 120 -29.57 2.71 10.65
N TYR A 121 -29.05 2.92 11.86
CA TYR A 121 -28.15 1.95 12.48
C TYR A 121 -28.79 0.57 12.59
N SER A 122 -29.97 0.48 13.22
CA SER A 122 -30.54 -0.84 13.50
C SER A 122 -31.07 -1.52 12.25
N VAL A 123 -31.56 -0.75 11.28
CA VAL A 123 -32.00 -1.36 10.03
C VAL A 123 -30.81 -1.95 9.28
N ILE A 124 -29.68 -1.25 9.26
CA ILE A 124 -28.49 -1.80 8.63
C ILE A 124 -28.03 -3.06 9.35
N GLU A 125 -27.95 -2.99 10.68
CA GLU A 125 -27.48 -4.13 11.46
C GLU A 125 -28.34 -5.37 11.21
N GLU A 126 -29.66 -5.18 11.10
CA GLU A 126 -30.53 -6.32 10.84
C GLU A 126 -30.26 -6.91 9.45
N ALA A 127 -30.03 -6.07 8.44
CA ALA A 127 -29.71 -6.59 7.11
C ALA A 127 -28.39 -7.35 7.13
N LEU A 128 -27.38 -6.80 7.81
CA LEU A 128 -26.11 -7.52 7.96
C LEU A 128 -26.31 -8.84 8.69
N HIS A 129 -27.15 -8.86 9.73
CA HIS A 129 -27.35 -10.11 10.47
C HIS A 129 -27.92 -11.20 9.56
N SER A 130 -28.91 -10.88 8.75
CA SER A 130 -29.50 -11.91 7.90
C SER A 130 -28.45 -12.48 6.94
N ILE A 131 -27.56 -11.63 6.44
CA ILE A 131 -26.51 -12.08 5.52
C ILE A 131 -25.46 -12.90 6.26
N CYS A 132 -24.97 -12.41 7.39
CA CYS A 132 -23.89 -13.10 8.09
C CYS A 132 -24.34 -14.47 8.58
N LYS A 133 -25.61 -14.57 8.98
CA LYS A 133 -26.12 -15.82 9.53
C LYS A 133 -26.10 -16.93 8.48
N VAL A 134 -26.54 -16.63 7.25
N VAL A 134 -26.53 -16.64 7.25
CA VAL A 134 -26.49 -17.66 6.21
CA VAL A 134 -26.50 -17.66 6.21
C VAL A 134 -25.05 -17.99 5.84
C VAL A 134 -25.11 -17.91 5.65
N ILE A 135 -24.15 -17.00 5.90
CA ILE A 135 -22.76 -17.27 5.56
C ILE A 135 -22.12 -18.15 6.62
N VAL A 136 -22.29 -17.78 7.88
CA VAL A 136 -21.66 -18.51 8.99
C VAL A 136 -22.15 -19.96 9.04
N ASP A 137 -23.37 -20.21 8.59
CA ASP A 137 -23.89 -21.57 8.59
C ASP A 137 -23.07 -22.51 7.69
N ASN A 138 -22.40 -21.97 6.64
CA ASN A 138 -21.62 -22.78 5.70
C ASN A 138 -20.63 -21.91 4.92
N PRO A 139 -19.47 -21.54 5.50
CA PRO A 139 -18.67 -20.46 4.91
C PRO A 139 -17.51 -20.86 4.01
N LEU A 140 -17.08 -22.12 4.05
CA LEU A 140 -15.75 -22.44 3.55
C LEU A 140 -15.65 -22.39 2.03
N ASP A 141 -16.67 -22.86 1.30
CA ASP A 141 -16.57 -22.75 -0.15
C ASP A 141 -16.69 -21.30 -0.61
N MET A 142 -17.48 -20.48 0.09
CA MET A 142 -17.56 -19.05 -0.25
C MET A 142 -16.22 -18.35 -0.05
N MET A 143 -15.52 -18.67 1.04
CA MET A 143 -14.23 -18.07 1.31
C MET A 143 -13.23 -18.39 0.21
N CYS A 144 -13.27 -19.62 -0.30
CA CYS A 144 -12.33 -20.07 -1.32
C CYS A 144 -12.77 -19.75 -2.73
N ASN A 145 -13.95 -19.17 -2.90
CA ASN A 145 -14.53 -18.93 -4.22
C ASN A 145 -14.01 -17.59 -4.76
N CYS A 146 -13.58 -17.56 -6.03
CA CYS A 146 -13.00 -16.33 -6.55
CA CYS A 146 -13.01 -16.33 -6.57
C CYS A 146 -13.96 -15.15 -6.41
N TYR A 147 -15.25 -15.36 -6.70
CA TYR A 147 -16.20 -14.25 -6.58
C TYR A 147 -16.64 -14.04 -5.12
N GLY A 148 -16.93 -15.14 -4.42
CA GLY A 148 -17.41 -15.03 -3.05
C GLY A 148 -16.41 -14.37 -2.13
N SER A 149 -15.12 -14.57 -2.38
N SER A 149 -15.12 -14.57 -2.38
CA SER A 149 -14.07 -13.94 -1.57
CA SER A 149 -14.10 -13.94 -1.54
C SER A 149 -14.12 -12.43 -1.65
C SER A 149 -14.15 -12.42 -1.63
N HIS A 150 -14.51 -11.88 -2.81
CA HIS A 150 -14.66 -10.42 -2.93
C HIS A 150 -15.83 -9.93 -2.11
N VAL A 151 -16.97 -10.63 -2.21
CA VAL A 151 -18.15 -10.28 -1.44
C VAL A 151 -17.84 -10.28 0.05
N LEU A 152 -17.10 -11.29 0.53
CA LEU A 152 -16.80 -11.40 1.95
C LEU A 152 -15.89 -10.28 2.42
N ARG A 153 -14.85 -9.95 1.64
CA ARG A 153 -14.00 -8.80 1.95
C ARG A 153 -14.82 -7.52 2.10
N ARG A 154 -15.70 -7.23 1.14
CA ARG A 154 -16.52 -6.04 1.23
C ARG A 154 -17.42 -6.10 2.46
N LEU A 155 -18.03 -7.27 2.71
CA LEU A 155 -18.91 -7.42 3.87
C LEU A 155 -18.17 -7.22 5.19
N LEU A 156 -16.96 -7.79 5.33
CA LEU A 156 -16.14 -7.55 6.49
C LEU A 156 -15.88 -6.06 6.68
N CYS A 157 -15.51 -5.37 5.59
CA CYS A 157 -15.25 -3.94 5.66
C CYS A 157 -16.48 -3.17 6.13
N LEU A 158 -17.65 -3.53 5.60
CA LEU A 158 -18.88 -2.86 6.00
C LEU A 158 -19.16 -3.07 7.49
N CYS A 159 -18.95 -4.29 8.00
CA CYS A 159 -19.17 -4.55 9.43
C CYS A 159 -18.23 -3.73 10.30
N LYS A 160 -17.02 -3.47 9.83
CA LYS A 160 -16.10 -2.59 10.53
C LYS A 160 -16.57 -1.15 10.44
N GLY A 161 -17.43 -0.84 9.49
CA GLY A 161 -17.89 0.50 9.26
C GLY A 161 -17.12 1.29 8.23
N VAL A 162 -16.34 0.63 7.39
CA VAL A 162 -15.61 1.34 6.34
C VAL A 162 -16.35 1.13 5.02
N SER A 163 -16.60 2.24 4.34
CA SER A 163 -17.24 2.26 3.03
C SER A 163 -16.26 2.55 1.91
N LEU A 164 -15.30 3.44 2.17
CA LEU A 164 -14.34 3.88 1.16
C LEU A 164 -13.39 2.74 0.84
N ASP A 165 -13.48 2.22 -0.39
CA ASP A 165 -12.60 1.16 -0.84
C ASP A 165 -11.15 1.57 -0.69
N SER A 166 -10.38 0.72 -0.01
CA SER A 166 -8.94 0.92 0.12
C SER A 166 -8.24 -0.27 -0.52
N PRO A 167 -7.38 -0.05 -1.55
CA PRO A 167 -6.61 -1.16 -2.12
C PRO A 167 -5.95 -2.04 -1.07
N GLU A 168 -5.36 -1.41 -0.06
CA GLU A 168 -4.63 -2.14 0.98
C GLU A 168 -5.55 -3.09 1.74
N LEU A 169 -6.80 -2.69 1.99
CA LEU A 169 -7.73 -3.55 2.70
C LEU A 169 -8.13 -4.80 1.91
N TYR A 170 -7.97 -4.80 0.58
CA TYR A 170 -8.52 -5.90 -0.26
C TYR A 170 -7.64 -7.01 -0.94
N GLY A 171 -6.34 -7.19 -0.70
CA GLY A 171 -5.36 -6.24 -0.23
C GLY A 171 -4.30 -6.18 -1.32
N ALA A 172 -4.33 -5.10 -2.09
CA ALA A 172 -3.34 -4.82 -3.12
C ALA A 172 -2.16 -4.07 -2.52
N LYS A 173 -1.09 -3.95 -3.31
CA LYS A 173 0.01 -3.08 -2.93
C LYS A 173 -0.41 -1.61 -3.03
N SER A 174 0.34 -0.76 -2.33
CA SER A 174 0.21 0.67 -2.48
C SER A 174 1.50 1.30 -1.99
N SER A 175 1.84 2.47 -2.53
CA SER A 175 3.02 3.16 -2.05
C SER A 175 2.91 3.55 -0.58
N LYS A 176 1.68 3.70 -0.06
CA LYS A 176 1.51 3.98 1.36
C LYS A 176 1.98 2.81 2.20
N ALA A 177 1.69 1.57 1.76
CA ALA A 177 2.13 0.39 2.51
C ALA A 177 3.65 0.22 2.43
N LEU A 178 4.25 0.56 1.29
CA LEU A 178 5.70 0.56 1.18
C LEU A 178 6.33 1.64 2.06
N ALA A 179 5.76 2.85 2.04
CA ALA A 179 6.24 3.91 2.91
C ALA A 179 6.14 3.50 4.38
N LYS A 180 5.03 2.85 4.75
CA LYS A 180 4.89 2.38 6.12
C LYS A 180 5.89 1.29 6.45
N ARG A 181 6.10 0.35 5.52
CA ARG A 181 7.08 -0.70 5.75
C ARG A 181 8.50 -0.16 5.82
N LEU A 182 8.80 0.94 5.10
CA LEU A 182 10.11 1.56 5.12
C LEU A 182 10.20 2.76 6.05
N ASN A 183 9.13 3.06 6.80
CA ASN A 183 9.16 4.14 7.78
C ASN A 183 9.42 5.50 7.11
N LEU A 184 8.87 5.70 5.91
CA LEU A 184 8.96 6.99 5.22
C LEU A 184 7.62 7.72 5.24
N PRO A 197 -13.37 7.63 12.52
CA PRO A 197 -13.97 6.48 11.83
C PRO A 197 -15.31 6.05 12.43
N HIS A 198 -16.25 5.65 11.57
CA HIS A 198 -17.53 5.13 12.04
C HIS A 198 -17.30 3.93 12.96
N GLN A 199 -18.18 3.80 13.97
CA GLN A 199 -18.01 2.70 14.93
C GLN A 199 -18.28 1.35 14.28
N GLY A 200 -19.08 1.33 13.21
CA GLY A 200 -19.40 0.09 12.54
C GLY A 200 -20.33 -0.75 13.38
N PHE A 201 -20.24 -2.07 13.19
CA PHE A 201 -21.07 -3.05 13.88
C PHE A 201 -20.11 -4.05 14.52
N PRO A 202 -19.47 -3.67 15.63
CA PRO A 202 -18.39 -4.51 16.19
C PRO A 202 -18.83 -5.93 16.51
N GLY A 203 -20.02 -6.10 17.09
CA GLY A 203 -20.50 -7.44 17.38
C GLY A 203 -20.75 -8.26 16.12
N MET A 204 -21.19 -7.61 15.03
CA MET A 204 -21.42 -8.34 13.80
C MET A 204 -20.11 -8.77 13.15
N LEU A 205 -19.12 -7.88 13.13
CA LEU A 205 -17.80 -8.24 12.62
C LEU A 205 -17.24 -9.44 13.37
N THR A 206 -17.29 -9.40 14.71
CA THR A 206 -16.79 -10.50 15.53
C THR A 206 -17.54 -11.79 15.22
N TYR A 207 -18.87 -11.71 15.14
CA TYR A 207 -19.69 -12.88 14.86
C TYR A 207 -19.37 -13.47 13.50
N LEU A 208 -19.29 -12.62 12.47
CA LEU A 208 -19.00 -13.11 11.12
C LEU A 208 -17.62 -13.78 11.09
N LEU A 209 -16.61 -13.08 11.60
CA LEU A 209 -15.24 -13.60 11.55
C LEU A 209 -15.11 -14.89 12.36
N SER A 210 -15.74 -14.97 13.54
CA SER A 210 -15.67 -16.23 14.28
C SER A 210 -16.29 -17.38 13.49
N GLY A 211 -17.36 -17.13 12.75
CA GLY A 211 -17.89 -18.16 11.87
C GLY A 211 -16.91 -18.56 10.77
N LEU A 212 -16.18 -17.59 10.23
CA LEU A 212 -15.21 -17.92 9.19
C LEU A 212 -14.06 -18.75 9.73
N LEU A 213 -13.84 -18.72 11.04
CA LEU A 213 -12.68 -19.37 11.63
C LEU A 213 -13.03 -20.65 12.37
N SER A 214 -14.30 -21.03 12.48
CA SER A 214 -14.66 -22.19 13.29
C SER A 214 -14.72 -23.44 12.42
N CYS A 215 -13.59 -23.77 11.83
CA CYS A 215 -13.45 -25.01 11.09
C CYS A 215 -12.36 -25.82 11.79
N SER A 216 -12.15 -27.06 11.31
CA SER A 216 -11.15 -27.91 11.93
C SER A 216 -9.76 -27.36 11.68
N ARG A 217 -8.79 -27.81 12.49
CA ARG A 217 -7.41 -27.38 12.25
C ARG A 217 -6.91 -27.83 10.90
N GLU A 218 -7.38 -28.98 10.42
CA GLU A 218 -6.95 -29.48 9.11
C GLU A 218 -7.58 -28.66 7.98
N ASP A 219 -8.86 -28.28 8.13
CA ASP A 219 -9.45 -27.36 7.16
C ASP A 219 -8.70 -26.04 7.12
N MET A 220 -8.36 -25.51 8.31
CA MET A 220 -7.59 -24.26 8.39
C MET A 220 -6.25 -24.37 7.69
N LYS A 221 -5.60 -25.54 7.79
CA LYS A 221 -4.31 -25.72 7.11
C LYS A 221 -4.43 -25.43 5.62
N TYR A 222 -5.59 -25.71 5.03
CA TYR A 222 -5.71 -25.45 3.61
C TYR A 222 -6.32 -24.09 3.30
N LEU A 223 -7.07 -23.50 4.23
CA LEU A 223 -7.40 -22.08 4.06
C LEU A 223 -6.14 -21.23 4.01
N GLN A 224 -5.08 -21.65 4.71
CA GLN A 224 -3.81 -20.92 4.73
C GLN A 224 -3.23 -20.75 3.33
N VAL A 225 -3.39 -21.78 2.49
CA VAL A 225 -2.72 -21.82 1.19
C VAL A 225 -3.69 -21.66 0.04
N ASP A 226 -4.95 -21.39 0.32
CA ASP A 226 -5.88 -21.06 -0.76
C ASP A 226 -5.85 -19.55 -0.95
N GLN A 227 -5.61 -19.13 -2.19
CA GLN A 227 -5.46 -17.71 -2.46
C GLN A 227 -6.68 -16.92 -1.99
N TYR A 228 -7.87 -17.43 -2.24
CA TYR A 228 -9.06 -16.63 -1.98
C TYR A 228 -9.41 -16.61 -0.50
N SER A 229 -9.25 -17.71 0.22
CA SER A 229 -9.50 -17.64 1.66
C SER A 229 -8.39 -16.84 2.35
N SER A 230 -7.15 -16.93 1.86
CA SER A 230 -6.09 -16.12 2.45
C SER A 230 -6.41 -14.64 2.32
N LEU A 231 -6.90 -14.22 1.15
CA LEU A 231 -7.31 -12.83 0.92
C LEU A 231 -8.40 -12.39 1.88
N VAL A 232 -9.41 -13.25 2.11
CA VAL A 232 -10.45 -12.95 3.09
C VAL A 232 -9.84 -12.74 4.47
N LEU A 233 -8.97 -13.67 4.90
CA LEU A 233 -8.40 -13.57 6.24
C LEU A 233 -7.46 -12.37 6.37
N GLN A 234 -6.76 -12.00 5.29
CA GLN A 234 -5.95 -10.79 5.31
C GLN A 234 -6.80 -9.55 5.59
N THR A 235 -7.91 -9.42 4.86
CA THR A 235 -8.80 -8.28 5.09
C THR A 235 -9.30 -8.27 6.54
N ALA A 236 -9.73 -9.42 7.04
CA ALA A 236 -10.21 -9.46 8.42
C ALA A 236 -9.12 -9.00 9.40
N LEU A 237 -7.88 -9.47 9.21
CA LEU A 237 -6.84 -9.09 10.17
C LEU A 237 -6.57 -7.59 10.12
N ARG A 238 -6.52 -7.01 8.93
CA ARG A 238 -6.32 -5.56 8.80
C ARG A 238 -7.41 -4.78 9.51
N LEU A 239 -8.66 -5.24 9.40
CA LEU A 239 -9.76 -4.57 10.09
C LEU A 239 -9.65 -4.66 11.61
N MET A 240 -8.89 -5.62 12.13
CA MET A 240 -8.75 -5.83 13.57
C MET A 240 -7.51 -5.16 14.14
N LEU A 241 -6.83 -4.33 13.35
CA LEU A 241 -5.65 -3.60 13.82
C LEU A 241 -5.95 -2.93 15.16
N LYS A 242 -5.04 -3.09 16.11
CA LYS A 242 -5.10 -2.53 17.47
C LYS A 242 -6.22 -3.12 18.34
N GLN A 243 -6.98 -4.10 17.85
CA GLN A 243 -7.96 -4.78 18.70
C GLN A 243 -7.31 -6.01 19.32
N ASP A 244 -6.45 -5.75 20.32
CA ASP A 244 -5.50 -6.77 20.75
C ASP A 244 -6.20 -8.01 21.30
N GLU A 245 -7.29 -7.83 22.04
CA GLU A 245 -7.97 -8.99 22.62
C GLU A 245 -8.57 -9.88 21.54
N GLN A 246 -9.03 -9.30 20.42
CA GLN A 246 -9.53 -10.13 19.32
C GLN A 246 -8.37 -10.73 18.53
N LEU A 247 -7.32 -9.95 18.27
CA LEU A 247 -6.16 -10.46 17.54
C LEU A 247 -5.54 -11.65 18.25
N LEU A 248 -5.46 -11.59 19.59
CA LEU A 248 -4.92 -12.70 20.38
C LEU A 248 -5.84 -13.92 20.38
N GLU A 249 -7.12 -13.74 20.05
CA GLU A 249 -7.99 -14.89 19.89
C GLU A 249 -7.96 -15.45 18.47
N ILE A 250 -7.91 -14.57 17.46
CA ILE A 250 -8.10 -15.06 16.08
C ILE A 250 -6.79 -15.55 15.47
N ILE A 251 -5.66 -14.91 15.76
CA ILE A 251 -4.40 -15.30 15.10
C ILE A 251 -3.99 -16.73 15.48
N PRO A 252 -4.08 -17.16 16.74
CA PRO A 252 -3.77 -18.58 17.04
C PRO A 252 -4.66 -19.56 16.31
N LEU A 253 -5.93 -19.22 16.06
CA LEU A 253 -6.78 -20.08 15.23
C LEU A 253 -6.26 -20.18 13.81
N ILE A 254 -5.93 -19.02 13.20
CA ILE A 254 -5.39 -19.03 11.83
C ILE A 254 -4.11 -19.83 11.74
N LEU A 255 -3.22 -19.69 12.75
CA LEU A 255 -1.94 -20.37 12.72
C LEU A 255 -2.01 -21.80 13.24
N ARG A 256 -3.18 -22.26 13.67
CA ARG A 256 -3.40 -23.62 14.18
C ARG A 256 -2.61 -23.91 15.44
N CYS A 257 -2.41 -22.93 16.32
CA CYS A 257 -1.62 -23.23 17.51
C CYS A 257 -2.40 -22.99 18.79
N ASN A 258 -3.71 -23.22 18.73
CA ASN A 258 -4.61 -23.02 19.86
C ASN A 258 -4.37 -24.02 21.00
N GLY A 266 -1.89 -17.84 27.73
CA GLY A 266 -0.62 -17.45 27.13
C GLY A 266 -0.45 -17.99 25.71
N PHE A 267 -0.04 -17.14 24.77
CA PHE A 267 0.15 -17.55 23.38
C PHE A 267 1.50 -18.24 23.23
N HIS A 268 1.49 -19.49 22.78
CA HIS A 268 2.69 -20.30 22.67
C HIS A 268 2.58 -21.10 21.38
N ILE A 269 3.67 -21.15 20.61
CA ILE A 269 3.73 -21.96 19.39
C ILE A 269 4.59 -23.17 19.70
N GLU A 270 3.94 -24.33 19.85
CA GLU A 270 4.65 -25.59 20.05
C GLU A 270 5.55 -25.92 18.87
N THR A 271 6.56 -26.74 19.14
CA THR A 271 7.64 -26.98 18.18
C THR A 271 7.13 -27.57 16.87
N ASN A 272 6.19 -28.52 16.93
CA ASN A 272 5.72 -29.14 15.69
C ASN A 272 4.86 -28.18 14.87
N VAL A 273 4.05 -27.35 15.52
CA VAL A 273 3.27 -26.37 14.78
C VAL A 273 4.20 -25.32 14.17
N ALA A 274 5.21 -24.88 14.92
CA ALA A 274 6.16 -23.91 14.38
C ALA A 274 6.82 -24.44 13.11
N LYS A 275 7.18 -25.72 13.10
CA LYS A 275 7.74 -26.34 11.91
C LYS A 275 6.77 -26.27 10.73
N GLU A 276 5.50 -26.58 10.95
CA GLU A 276 4.51 -26.54 9.88
C GLU A 276 4.33 -25.12 9.36
N ILE A 277 4.30 -24.13 10.25
CA ILE A 277 4.21 -22.73 9.84
C ILE A 277 5.42 -22.35 9.00
N LEU A 278 6.62 -22.68 9.49
CA LEU A 278 7.84 -22.39 8.74
C LEU A 278 7.83 -23.05 7.37
N GLU A 279 7.42 -24.33 7.30
CA GLU A 279 7.44 -25.06 6.04
C GLU A 279 6.43 -24.54 5.02
N SER A 280 5.38 -23.84 5.44
CA SER A 280 4.42 -23.29 4.51
C SER A 280 4.75 -21.86 4.10
N MET A 281 5.84 -21.30 4.62
CA MET A 281 6.12 -19.86 4.47
C MET A 281 6.46 -19.46 3.03
N LYS A 282 6.85 -20.42 2.18
CA LYS A 282 7.19 -20.12 0.80
C LYS A 282 5.99 -20.19 -0.13
N ASP A 283 4.84 -20.64 0.39
CA ASP A 283 3.62 -20.63 -0.41
C ASP A 283 3.17 -19.20 -0.69
N ASN A 284 2.72 -18.94 -1.93
CA ASN A 284 2.37 -17.56 -2.26
C ASN A 284 1.17 -17.07 -1.45
N SER A 285 0.16 -17.92 -1.25
CA SER A 285 -1.02 -17.48 -0.52
C SER A 285 -0.72 -17.29 0.97
N PHE A 286 -0.02 -18.24 1.59
CA PHE A 286 0.25 -18.13 3.04
C PHE A 286 1.22 -17.00 3.34
N SER A 287 2.22 -16.79 2.47
CA SER A 287 3.17 -15.72 2.72
C SER A 287 2.47 -14.37 2.79
N HIS A 288 1.53 -14.12 1.88
CA HIS A 288 0.74 -12.88 1.97
C HIS A 288 -0.03 -12.80 3.28
N LEU A 289 -0.59 -13.92 3.74
CA LEU A 289 -1.31 -13.93 5.01
C LEU A 289 -0.38 -13.61 6.18
N VAL A 290 0.80 -14.24 6.21
CA VAL A 290 1.68 -14.03 7.36
C VAL A 290 2.24 -12.59 7.38
N GLU A 291 2.44 -11.98 6.20
CA GLU A 291 2.78 -10.56 6.16
C GLU A 291 1.79 -9.74 6.99
N VAL A 292 0.50 -10.02 6.82
CA VAL A 292 -0.51 -9.24 7.52
C VAL A 292 -0.52 -9.58 9.01
N ILE A 293 -0.38 -10.87 9.34
CA ILE A 293 -0.27 -11.27 10.74
C ILE A 293 0.82 -10.48 11.44
N LEU A 294 2.00 -10.40 10.82
CA LEU A 294 3.12 -9.70 11.46
C LEU A 294 2.87 -8.21 11.57
N GLU A 295 2.14 -7.62 10.61
CA GLU A 295 1.83 -6.20 10.67
C GLU A 295 0.87 -5.87 11.81
N VAL A 296 -0.07 -6.76 12.12
CA VAL A 296 -1.05 -6.46 13.18
C VAL A 296 -0.73 -7.15 14.50
N ALA A 297 0.29 -8.00 14.55
CA ALA A 297 0.50 -8.83 15.74
C ALA A 297 0.78 -7.97 16.97
N PRO A 298 0.10 -8.20 18.10
CA PRO A 298 0.53 -7.60 19.36
C PRO A 298 1.90 -8.09 19.76
N GLU A 299 2.54 -7.33 20.67
CA GLU A 299 3.95 -7.54 20.97
C GLU A 299 4.24 -8.99 21.36
N SER A 300 3.48 -9.53 22.30
CA SER A 300 3.75 -10.88 22.79
C SER A 300 3.63 -11.90 21.67
N LEU A 301 2.66 -11.71 20.79
CA LEU A 301 2.48 -12.65 19.69
C LEU A 301 3.61 -12.50 18.67
N TYR A 302 3.99 -11.25 18.36
CA TYR A 302 5.12 -11.04 17.45
C TYR A 302 6.38 -11.69 17.98
N ASN A 303 6.68 -11.48 19.27
CA ASN A 303 7.94 -11.99 19.81
C ASN A 303 7.98 -13.50 19.74
N GLU A 304 6.85 -14.17 19.95
CA GLU A 304 6.81 -15.63 19.88
C GLU A 304 7.03 -16.13 18.46
N MET A 305 6.41 -15.47 17.46
CA MET A 305 6.67 -15.84 16.08
C MET A 305 8.13 -15.63 15.71
N PHE A 306 8.70 -14.48 16.08
CA PHE A 306 10.11 -14.21 15.83
C PHE A 306 10.99 -15.33 16.38
N ASN A 307 10.76 -15.73 17.63
CA ASN A 307 11.62 -16.72 18.27
C ASN A 307 11.39 -18.12 17.75
N LYS A 308 10.12 -18.55 17.62
CA LYS A 308 9.84 -19.95 17.35
C LYS A 308 9.77 -20.29 15.87
N VAL A 309 9.49 -19.33 15.00
CA VAL A 309 9.29 -19.59 13.59
C VAL A 309 10.47 -19.09 12.76
N PHE A 310 10.84 -17.82 12.92
CA PHE A 310 11.72 -17.16 11.97
C PHE A 310 13.20 -17.20 12.35
N LYS A 311 13.50 -17.10 13.64
CA LYS A 311 14.90 -17.03 14.07
C LYS A 311 15.66 -18.25 13.57
N ASN A 312 16.86 -18.02 13.05
CA ASN A 312 17.78 -18.99 12.42
C ASN A 312 17.39 -19.37 11.00
N SER A 313 16.25 -18.90 10.47
CA SER A 313 15.89 -19.16 9.08
C SER A 313 15.83 -17.88 8.24
N LEU A 314 16.33 -16.77 8.75
CA LEU A 314 16.05 -15.47 8.13
C LEU A 314 16.61 -15.39 6.71
N PHE A 315 17.83 -15.87 6.50
CA PHE A 315 18.43 -15.71 5.18
C PHE A 315 17.78 -16.65 4.18
N GLU A 316 17.53 -17.91 4.58
CA GLU A 316 16.85 -18.84 3.69
C GLU A 316 15.51 -18.29 3.22
N LEU A 317 14.74 -17.70 4.14
CA LEU A 317 13.44 -17.14 3.76
C LEU A 317 13.61 -15.87 2.92
N SER A 318 14.68 -15.12 3.13
CA SER A 318 14.92 -13.90 2.38
C SER A 318 15.30 -14.15 0.93
N VAL A 319 15.78 -15.36 0.59
CA VAL A 319 16.08 -15.63 -0.82
C VAL A 319 14.91 -16.25 -1.55
N ASP A 320 13.82 -16.55 -0.86
CA ASP A 320 12.66 -17.12 -1.52
C ASP A 320 11.78 -16.03 -2.13
N ARG A 321 11.28 -16.30 -3.34
CA ARG A 321 10.51 -15.33 -4.09
C ARG A 321 9.25 -14.87 -3.37
N CYS A 322 8.69 -15.66 -2.47
CA CYS A 322 7.53 -15.25 -1.69
C CYS A 322 7.86 -14.92 -0.25
N ALA A 323 8.60 -15.79 0.43
CA ALA A 323 8.86 -15.61 1.84
C ALA A 323 9.69 -14.35 2.13
N ASN A 324 10.41 -13.81 1.15
CA ASN A 324 11.22 -12.63 1.49
C ASN A 324 10.34 -11.46 1.86
N PHE A 325 9.11 -11.41 1.33
CA PHE A 325 8.20 -10.34 1.75
C PHE A 325 7.71 -10.55 3.18
N VAL A 326 7.61 -11.80 3.64
CA VAL A 326 7.34 -12.05 5.04
C VAL A 326 8.49 -11.54 5.90
N ILE A 327 9.73 -11.78 5.46
CA ILE A 327 10.86 -11.28 6.22
C ILE A 327 10.85 -9.76 6.27
N GLN A 328 10.45 -9.12 5.17
CA GLN A 328 10.34 -7.66 5.17
C GLN A 328 9.34 -7.19 6.21
N ALA A 329 8.19 -7.85 6.29
CA ALA A 329 7.21 -7.52 7.32
C ALA A 329 7.76 -7.81 8.71
N LEU A 330 8.42 -8.95 8.89
CA LEU A 330 9.01 -9.26 10.19
C LEU A 330 10.01 -8.20 10.63
N ILE A 331 10.95 -7.87 9.74
CA ILE A 331 11.95 -6.85 10.05
C ILE A 331 11.29 -5.54 10.45
N SER A 332 10.34 -5.08 9.63
CA SER A 332 9.74 -3.76 9.81
C SER A 332 9.04 -3.62 11.15
N HIS A 333 8.60 -4.74 11.73
CA HIS A 333 7.84 -4.69 12.97
C HIS A 333 8.60 -5.25 14.17
N ALA A 334 9.92 -5.39 14.05
CA ALA A 334 10.73 -5.80 15.19
C ALA A 334 10.56 -4.81 16.35
N ARG A 335 10.68 -5.32 17.57
CA ARG A 335 10.29 -4.56 18.76
C ARG A 335 11.46 -3.99 19.56
N ASP A 336 12.61 -4.67 19.61
CA ASP A 336 13.66 -4.27 20.53
C ASP A 336 15.03 -4.50 19.92
N GLN A 337 16.06 -4.08 20.65
CA GLN A 337 17.41 -4.10 20.13
C GLN A 337 17.99 -5.51 20.10
N GLU A 338 17.49 -6.41 20.95
CA GLU A 338 17.98 -7.79 20.88
C GLU A 338 17.57 -8.43 19.56
N GLN A 339 16.34 -8.20 19.13
CA GLN A 339 15.90 -8.68 17.82
C GLN A 339 16.71 -8.05 16.71
N MET A 340 16.96 -6.74 16.80
CA MET A 340 17.78 -6.09 15.79
C MET A 340 19.14 -6.77 15.65
N GLY A 341 19.76 -7.15 16.78
CA GLY A 341 21.03 -7.83 16.73
C GLY A 341 20.94 -9.19 16.08
N ILE A 342 19.87 -9.95 16.37
CA ILE A 342 19.71 -11.26 15.73
C ILE A 342 19.51 -11.08 14.24
N MET A 343 18.70 -10.10 13.84
CA MET A 343 18.48 -9.91 12.41
C MET A 343 19.76 -9.46 11.71
N TRP A 344 20.56 -8.61 12.35
CA TRP A 344 21.79 -8.16 11.71
C TRP A 344 22.77 -9.31 11.53
N GLU A 345 22.89 -10.18 12.54
CA GLU A 345 23.83 -11.29 12.43
C GLU A 345 23.44 -12.25 11.30
N GLU A 346 22.14 -12.53 11.14
CA GLU A 346 21.75 -13.52 10.15
C GLU A 346 21.81 -12.97 8.73
N LEU A 347 21.60 -11.66 8.55
CA LEU A 347 21.36 -11.09 7.23
C LEU A 347 22.44 -10.13 6.75
N ALA A 348 23.03 -9.33 7.63
CA ALA A 348 24.00 -8.33 7.18
C ALA A 348 25.19 -8.93 6.44
N PRO A 349 25.82 -10.04 6.89
CA PRO A 349 26.89 -10.67 6.09
C PRO A 349 26.46 -11.04 4.67
N ARG A 350 25.15 -11.10 4.42
CA ARG A 350 24.64 -11.54 3.12
C ARG A 350 23.93 -10.43 2.37
N PHE A 351 24.21 -9.16 2.72
CA PHE A 351 23.64 -8.05 1.97
C PHE A 351 23.94 -8.17 0.49
N LYS A 352 25.17 -8.58 0.16
CA LYS A 352 25.56 -8.67 -1.24
C LYS A 352 24.72 -9.71 -1.97
N ASP A 353 24.62 -10.91 -1.38
CA ASP A 353 23.75 -11.96 -1.93
C ASP A 353 22.35 -11.43 -2.17
N LEU A 354 21.78 -10.77 -1.16
CA LEU A 354 20.40 -10.30 -1.28
C LEU A 354 20.26 -9.31 -2.43
N LEU A 355 21.21 -8.38 -2.58
CA LEU A 355 21.13 -7.43 -3.69
C LEU A 355 21.32 -8.14 -5.04
N GLU A 356 22.26 -9.09 -5.10
CA GLU A 356 22.49 -9.84 -6.34
C GLU A 356 21.23 -10.59 -6.77
N GLN A 357 20.49 -11.17 -5.82
CA GLN A 357 19.35 -12.01 -6.14
C GLN A 357 18.02 -11.27 -6.20
N GLY A 358 18.05 -9.94 -6.26
CA GLY A 358 16.82 -9.18 -6.44
C GLY A 358 15.94 -9.09 -5.19
N LYS A 359 16.57 -9.01 -4.02
CA LYS A 359 15.88 -8.99 -2.74
C LYS A 359 16.21 -7.72 -1.96
N SER A 360 16.35 -6.59 -2.67
CA SER A 360 16.77 -5.35 -2.04
C SER A 360 15.75 -4.82 -1.03
N GLY A 361 14.48 -5.22 -1.12
CA GLY A 361 13.52 -4.80 -0.11
C GLY A 361 13.83 -5.32 1.27
N VAL A 362 14.45 -6.51 1.35
CA VAL A 362 14.88 -7.02 2.65
C VAL A 362 15.95 -6.10 3.23
N VAL A 363 16.92 -5.72 2.41
CA VAL A 363 17.97 -4.81 2.85
C VAL A 363 17.38 -3.47 3.27
N ALA A 364 16.50 -2.91 2.43
CA ALA A 364 15.83 -1.65 2.76
C ALA A 364 15.10 -1.73 4.10
N SER A 365 14.40 -2.83 4.34
CA SER A 365 13.66 -2.95 5.60
C SER A 365 14.59 -2.96 6.80
N LEU A 366 15.70 -3.69 6.71
CA LEU A 366 16.60 -3.78 7.85
C LEU A 366 17.25 -2.43 8.14
N ILE A 367 17.68 -1.73 7.10
CA ILE A 367 18.27 -0.41 7.29
C ILE A 367 17.25 0.54 7.91
N ALA A 368 16.00 0.50 7.44
CA ALA A 368 15.00 1.44 7.93
C ALA A 368 14.68 1.19 9.40
N VAL A 369 14.63 -0.09 9.82
CA VAL A 369 14.27 -0.37 11.19
C VAL A 369 15.43 -0.12 12.14
N SER A 370 16.68 -0.18 11.68
CA SER A 370 17.79 0.25 12.53
C SER A 370 17.59 1.70 12.95
N GLN A 371 17.13 2.52 12.01
CA GLN A 371 16.86 3.93 12.29
C GLN A 371 15.77 4.09 13.33
N ARG A 372 14.70 3.28 13.23
CA ARG A 372 13.60 3.42 14.17
C ARG A 372 13.95 2.85 15.53
N LEU A 373 14.63 1.71 15.57
CA LEU A 373 15.00 1.12 16.85
C LEU A 373 16.27 1.74 17.43
N GLN A 374 16.95 2.61 16.67
CA GLN A 374 18.20 3.26 17.11
C GLN A 374 19.24 2.22 17.53
N SER A 375 19.52 1.29 16.62
CA SER A 375 20.46 0.21 16.92
C SER A 375 21.08 -0.27 15.62
N HIS A 376 22.39 -0.52 15.63
CA HIS A 376 23.13 -1.03 14.48
C HIS A 376 23.05 -0.09 13.28
N GLU A 377 22.77 1.19 13.52
CA GLU A 377 22.63 2.14 12.41
C GLU A 377 23.91 2.19 11.57
N ASN A 378 25.05 2.47 12.23
CA ASN A 378 26.30 2.56 11.50
C ASN A 378 26.66 1.23 10.87
N LYS A 379 26.42 0.12 11.58
CA LYS A 379 26.72 -1.19 11.02
C LYS A 379 25.91 -1.47 9.76
N CYS A 380 24.63 -1.05 9.74
CA CYS A 380 23.81 -1.26 8.55
C CYS A 380 24.30 -0.42 7.38
N CYS A 381 24.58 0.86 7.62
CA CYS A 381 25.06 1.72 6.55
C CYS A 381 26.37 1.22 5.98
N GLU A 382 27.30 0.78 6.83
CA GLU A 382 28.60 0.31 6.35
C GLU A 382 28.46 -1.03 5.65
N ALA A 383 27.58 -1.91 6.14
CA ALA A 383 27.38 -3.19 5.47
C ALA A 383 26.84 -2.97 4.06
N LEU A 384 25.96 -1.98 3.88
CA LEU A 384 25.44 -1.69 2.54
C LEU A 384 26.55 -1.22 1.60
N VAL A 385 27.42 -0.31 2.07
CA VAL A 385 28.53 0.15 1.22
C VAL A 385 29.39 -1.03 0.78
N GLY A 386 29.79 -1.86 1.74
CA GLY A 386 30.65 -2.99 1.43
C GLY A 386 29.99 -4.01 0.53
N ALA A 387 28.66 -4.11 0.59
CA ALA A 387 27.97 -5.04 -0.31
C ALA A 387 28.01 -4.54 -1.74
N VAL A 388 28.07 -3.24 -1.95
CA VAL A 388 27.94 -2.67 -3.29
C VAL A 388 29.32 -2.32 -3.85
N CYS A 389 30.23 -1.97 -2.95
CA CYS A 389 31.58 -1.51 -3.31
C CYS A 389 32.60 -2.41 -2.60
N SER A 390 33.12 -3.40 -3.32
CA SER A 390 34.00 -4.40 -2.71
C SER A 390 35.40 -3.88 -2.45
N THR A 391 35.90 -2.98 -3.30
CA THR A 391 37.22 -2.39 -3.10
C THR A 391 37.10 -0.99 -2.49
N ASN A 392 38.19 -0.55 -1.87
CA ASN A 392 38.21 0.79 -1.29
C ASN A 392 37.94 1.85 -2.35
N GLU A 393 38.56 1.71 -3.52
CA GLU A 393 38.44 2.73 -4.56
C GLU A 393 37.03 2.80 -5.13
N SER A 394 36.31 1.68 -5.13
CA SER A 394 34.96 1.67 -5.69
C SER A 394 33.93 2.35 -4.79
N ARG A 395 34.29 2.70 -3.54
CA ARG A 395 33.33 3.26 -2.60
C ARG A 395 32.82 4.64 -3.02
N ILE A 396 33.61 5.40 -3.79
CA ILE A 396 33.15 6.70 -4.27
C ILE A 396 31.92 6.56 -5.18
N SER A 397 31.68 5.36 -5.70
CA SER A 397 30.58 5.12 -6.63
C SER A 397 29.34 4.54 -5.95
N ILE A 398 29.26 4.62 -4.62
CA ILE A 398 28.12 3.99 -3.95
C ILE A 398 26.81 4.59 -4.43
N LEU A 399 26.75 5.92 -4.63
CA LEU A 399 25.51 6.54 -5.06
C LEU A 399 25.10 6.09 -6.45
N PRO A 400 25.92 6.22 -7.51
CA PRO A 400 25.50 5.74 -8.84
C PRO A 400 25.07 4.28 -8.85
N ARG A 401 25.78 3.42 -8.11
CA ARG A 401 25.43 2.00 -8.15
C ARG A 401 24.09 1.73 -7.49
N LEU A 402 23.74 2.48 -6.44
CA LEU A 402 22.44 2.27 -5.81
C LEU A 402 21.31 2.89 -6.61
N LEU A 403 21.56 4.06 -7.22
CA LEU A 403 20.57 4.65 -8.12
C LEU A 403 20.19 3.71 -9.26
N PHE A 404 21.14 2.92 -9.75
CA PHE A 404 20.89 2.01 -10.86
C PHE A 404 21.17 0.58 -10.42
N LEU A 405 20.64 0.19 -9.26
CA LEU A 405 21.00 -1.07 -8.62
C LEU A 405 20.90 -2.27 -9.56
N ASP A 406 19.83 -2.35 -10.36
CA ASP A 406 19.66 -3.52 -11.23
C ASP A 406 20.65 -3.50 -12.39
N TYR A 407 20.95 -2.32 -12.94
CA TYR A 407 21.94 -2.25 -14.02
C TYR A 407 23.33 -2.61 -13.52
N TYR A 408 23.70 -2.14 -12.34
CA TYR A 408 25.03 -2.44 -11.83
C TYR A 408 25.18 -3.93 -11.51
N PHE A 409 24.20 -4.51 -10.82
CA PHE A 409 24.36 -5.92 -10.47
C PHE A 409 24.11 -6.84 -11.66
N GLY A 410 23.43 -6.36 -12.70
CA GLY A 410 23.24 -7.17 -13.87
C GLY A 410 24.25 -6.99 -14.99
N CYS A 411 25.27 -6.16 -14.80
CA CYS A 411 26.11 -5.80 -15.94
C CYS A 411 27.18 -6.86 -16.20
N ARG A 412 27.76 -6.79 -17.40
CA ARG A 412 28.76 -7.77 -17.83
C ARG A 412 30.02 -7.68 -16.96
N ASP A 413 30.56 -6.48 -16.79
CA ASP A 413 31.82 -6.28 -16.09
C ASP A 413 31.65 -5.18 -15.05
N LYS A 414 31.59 -5.58 -13.77
CA LYS A 414 31.32 -4.62 -12.71
C LYS A 414 32.47 -3.67 -12.44
N SER A 415 33.69 -4.01 -12.87
CA SER A 415 34.83 -3.13 -12.63
C SER A 415 34.86 -1.92 -13.55
N THR A 416 34.04 -1.89 -14.59
CA THR A 416 34.01 -0.77 -15.52
C THR A 416 32.66 -0.05 -15.57
N TRP A 417 31.61 -0.62 -14.99
CA TRP A 417 30.32 0.03 -14.96
C TRP A 417 30.42 1.37 -14.23
N GLU A 418 29.76 2.39 -14.79
CA GLU A 418 29.79 3.70 -14.15
C GLU A 418 28.42 4.34 -14.06
N TRP A 419 27.54 4.03 -15.00
CA TRP A 419 26.29 4.77 -15.19
C TRP A 419 25.41 3.98 -16.15
N ALA A 420 24.12 4.32 -16.19
CA ALA A 420 23.17 3.77 -17.17
C ALA A 420 22.50 4.93 -17.89
N PRO A 421 23.15 5.50 -18.91
CA PRO A 421 22.66 6.75 -19.50
C PRO A 421 21.23 6.61 -20.02
N GLY A 422 20.39 7.57 -19.60
CA GLY A 422 19.00 7.61 -20.00
C GLY A 422 18.08 6.65 -19.28
N ALA A 423 18.60 5.71 -18.50
CA ALA A 423 17.76 4.67 -17.91
C ALA A 423 16.94 5.21 -16.75
N LYS A 424 15.77 4.60 -16.55
CA LYS A 424 14.98 4.89 -15.36
C LYS A 424 15.71 4.36 -14.13
N MET A 425 15.81 5.19 -13.09
CA MET A 425 16.53 4.74 -11.89
C MET A 425 15.70 3.74 -11.09
N HIS A 426 16.39 3.02 -10.21
CA HIS A 426 15.84 1.86 -9.52
C HIS A 426 15.01 2.29 -8.32
N VAL A 427 13.75 1.82 -8.26
CA VAL A 427 12.83 2.34 -7.24
C VAL A 427 13.32 1.98 -5.83
N MET A 428 13.66 0.71 -5.59
CA MET A 428 14.02 0.33 -4.24
C MET A 428 15.39 0.88 -3.85
N GLY A 429 16.32 0.93 -4.80
CA GLY A 429 17.60 1.57 -4.52
C GLY A 429 17.43 3.02 -4.11
N CYS A 430 16.54 3.73 -4.80
CA CYS A 430 16.29 5.13 -4.45
C CYS A 430 15.54 5.25 -3.12
N LEU A 431 14.68 4.28 -2.78
CA LEU A 431 14.04 4.30 -1.46
C LEU A 431 15.06 4.02 -0.35
N ILE A 432 15.98 3.06 -0.58
CA ILE A 432 17.06 2.84 0.37
C ILE A 432 17.81 4.15 0.63
N LEU A 433 18.14 4.86 -0.44
CA LEU A 433 18.89 6.11 -0.34
C LEU A 433 18.10 7.18 0.40
N GLN A 434 16.78 7.24 0.16
CA GLN A 434 15.93 8.16 0.92
C GLN A 434 16.02 7.85 2.40
N GLY A 435 16.04 6.57 2.76
CA GLY A 435 16.20 6.21 4.17
C GLY A 435 17.59 6.51 4.69
N ILE A 436 18.62 6.26 3.87
CA ILE A 436 20.00 6.56 4.25
C ILE A 436 20.12 8.01 4.70
N PHE A 437 19.53 8.92 3.94
CA PHE A 437 19.75 10.34 4.24
C PHE A 437 18.93 10.82 5.42
N LYS A 438 18.18 9.95 6.08
CA LYS A 438 17.57 10.29 7.35
C LYS A 438 18.44 9.94 8.55
N PHE A 439 19.51 9.15 8.36
CA PHE A 439 20.46 8.93 9.45
C PHE A 439 21.20 10.23 9.79
N SER A 440 21.69 10.29 11.04
CA SER A 440 22.70 11.27 11.42
C SER A 440 23.86 11.23 10.43
N SER A 441 24.41 12.40 10.09
CA SER A 441 25.50 12.44 9.11
C SER A 441 26.72 11.67 9.58
N ASP A 442 26.89 11.48 10.90
CA ASP A 442 27.97 10.63 11.42
C ASP A 442 27.96 9.24 10.81
N HIS A 443 26.80 8.73 10.42
CA HIS A 443 26.71 7.34 9.99
C HIS A 443 26.83 7.17 8.49
N ILE A 444 26.80 8.26 7.72
CA ILE A 444 26.60 8.13 6.28
C ILE A 444 27.57 9.02 5.52
N GLN A 445 28.75 9.28 6.09
CA GLN A 445 29.75 10.08 5.38
C GLN A 445 30.07 9.54 3.97
N PRO A 446 30.24 8.24 3.75
CA PRO A 446 30.48 7.77 2.38
C PRO A 446 29.35 8.14 1.41
N TYR A 447 28.10 8.18 1.88
CA TYR A 447 27.00 8.50 0.97
C TYR A 447 26.98 9.99 0.64
N ILE A 448 27.21 10.84 1.65
CA ILE A 448 27.24 12.29 1.43
C ILE A 448 28.39 12.65 0.48
N THR A 449 29.57 12.07 0.72
CA THR A 449 30.70 12.36 -0.16
C THR A 449 30.43 11.88 -1.58
N SER A 450 29.88 10.66 -1.71
CA SER A 450 29.63 10.12 -3.05
C SER A 450 28.59 10.93 -3.80
N LEU A 451 27.51 11.32 -3.12
CA LEU A 451 26.47 12.10 -3.80
C LEU A 451 27.00 13.48 -4.19
N THR A 452 27.66 14.19 -3.26
CA THR A 452 28.10 15.55 -3.58
C THR A 452 29.30 15.57 -4.51
N SER A 453 29.99 14.43 -4.70
CA SER A 453 31.09 14.33 -5.66
C SER A 453 30.63 14.09 -7.08
N MET A 454 29.42 13.59 -7.29
CA MET A 454 28.98 13.24 -8.62
C MET A 454 29.05 14.47 -9.53
N LYS A 455 29.46 14.25 -10.78
CA LYS A 455 29.65 15.38 -11.67
C LYS A 455 28.29 15.94 -12.08
N ALA A 456 28.33 17.20 -12.55
CA ALA A 456 27.11 17.96 -12.79
C ALA A 456 26.12 17.19 -13.66
N GLU A 457 26.61 16.53 -14.72
CA GLU A 457 25.65 15.88 -15.63
C GLU A 457 24.96 14.70 -14.97
N TYR A 458 25.67 13.93 -14.13
CA TYR A 458 25.02 12.84 -13.40
C TYR A 458 24.02 13.37 -12.37
N ILE A 459 24.38 14.44 -11.65
CA ILE A 459 23.46 15.01 -10.67
C ILE A 459 22.21 15.58 -11.34
N THR A 460 22.36 16.24 -12.50
CA THR A 460 21.18 16.75 -13.18
C THR A 460 20.33 15.60 -13.72
N GLU A 461 20.97 14.57 -14.26
CA GLU A 461 20.22 13.38 -14.67
C GLU A 461 19.45 12.77 -13.49
N THR A 462 20.06 12.76 -12.30
CA THR A 462 19.37 12.24 -11.12
C THR A 462 18.16 13.09 -10.78
N ALA A 463 18.32 14.41 -10.83
CA ALA A 463 17.21 15.32 -10.51
C ALA A 463 16.06 15.16 -11.49
N LYS A 464 16.35 14.84 -12.74
CA LYS A 464 15.31 14.66 -13.75
C LYS A 464 14.61 13.32 -13.66
N ASP A 465 15.02 12.46 -12.75
CA ASP A 465 14.41 11.14 -12.59
C ASP A 465 13.42 11.19 -11.45
N SER A 466 12.23 10.63 -11.66
CA SER A 466 11.17 10.74 -10.66
C SER A 466 11.48 9.98 -9.38
N SER A 467 12.39 8.99 -9.42
CA SER A 467 12.91 8.39 -8.19
C SER A 467 14.19 9.07 -7.71
N GLY A 468 15.12 9.37 -8.62
CA GLY A 468 16.35 10.05 -8.22
C GLY A 468 16.11 11.40 -7.58
N ALA A 469 15.10 12.14 -8.05
CA ALA A 469 14.81 13.45 -7.45
C ALA A 469 14.48 13.31 -5.96
N ARG A 470 13.84 12.21 -5.57
CA ARG A 470 13.56 11.97 -4.15
C ARG A 470 14.83 11.78 -3.35
N VAL A 471 15.87 11.17 -3.95
CA VAL A 471 17.14 11.01 -3.25
C VAL A 471 17.77 12.36 -2.96
N ILE A 472 17.85 13.22 -3.99
CA ILE A 472 18.39 14.57 -3.82
C ILE A 472 17.62 15.33 -2.74
N GLU A 473 16.29 15.22 -2.74
CA GLU A 473 15.49 15.98 -1.77
C GLU A 473 15.72 15.45 -0.36
N ALA A 474 15.89 14.14 -0.20
CA ALA A 474 16.20 13.61 1.12
C ALA A 474 17.56 14.11 1.61
N PHE A 475 18.55 14.17 0.71
CA PHE A 475 19.84 14.76 1.08
C PHE A 475 19.70 16.22 1.48
N LEU A 476 18.94 17.00 0.71
CA LEU A 476 18.74 18.41 1.06
C LEU A 476 18.07 18.58 2.42
N ALA A 477 17.24 17.62 2.84
CA ALA A 477 16.61 17.66 4.15
C ALA A 477 17.46 17.02 5.24
N SER A 478 18.59 16.40 4.90
CA SER A 478 19.40 15.70 5.89
C SER A 478 20.14 16.70 6.78
N ASP A 479 20.89 16.21 7.76
CA ASP A 479 21.78 17.12 8.48
C ASP A 479 23.22 17.07 7.93
N ALA A 480 23.38 16.80 6.64
CA ALA A 480 24.66 17.09 6.00
C ALA A 480 24.97 18.58 6.13
N ALA A 481 26.25 18.94 5.97
CA ALA A 481 26.63 20.34 6.12
C ALA A 481 26.06 21.19 4.99
N THR A 482 25.78 22.46 5.31
CA THR A 482 25.18 23.36 4.32
C THR A 482 26.13 23.58 3.14
N LYS A 483 27.44 23.60 3.38
CA LYS A 483 28.36 23.73 2.27
C LYS A 483 28.27 22.54 1.31
N GLN A 484 28.01 21.33 1.85
CA GLN A 484 27.86 20.15 1.02
C GLN A 484 26.59 20.22 0.20
N LYS A 485 25.50 20.68 0.81
CA LYS A 485 24.27 20.92 0.06
C LYS A 485 24.48 21.95 -1.03
N ARG A 486 25.10 23.08 -0.67
CA ARG A 486 25.37 24.14 -1.64
C ARG A 486 26.20 23.62 -2.81
N ARG A 487 27.21 22.80 -2.54
CA ARG A 487 28.02 22.26 -3.62
C ARG A 487 27.16 21.50 -4.63
N LEU A 488 26.22 20.69 -4.16
CA LEU A 488 25.36 19.94 -5.07
C LEU A 488 24.43 20.88 -5.82
N ILE A 489 23.79 21.81 -5.10
CA ILE A 489 22.85 22.72 -5.75
C ILE A 489 23.52 23.49 -6.86
N ILE A 490 24.76 23.95 -6.64
CA ILE A 490 25.47 24.69 -7.67
C ILE A 490 25.65 23.85 -8.93
N LYS A 491 25.84 22.54 -8.78
CA LYS A 491 26.02 21.75 -9.99
C LYS A 491 24.71 21.53 -10.75
N LEU A 492 23.57 21.99 -10.23
CA LEU A 492 22.34 21.99 -11.00
C LEU A 492 22.14 23.27 -11.79
N ARG A 493 23.02 24.26 -11.64
CA ARG A 493 22.87 25.53 -12.33
C ARG A 493 22.85 25.32 -13.84
N GLY A 494 22.01 26.09 -14.51
CA GLY A 494 21.78 25.88 -15.93
C GLY A 494 20.72 24.87 -16.25
N HIS A 495 20.18 24.17 -15.24
CA HIS A 495 19.18 23.14 -15.48
C HIS A 495 17.90 23.36 -14.71
N PHE A 496 17.80 24.45 -13.95
CA PHE A 496 16.60 24.64 -13.16
C PHE A 496 15.39 24.88 -14.05
N GLY A 497 15.59 25.50 -15.21
CA GLY A 497 14.47 25.72 -16.13
C GLY A 497 13.87 24.41 -16.61
N GLU A 498 14.72 23.50 -17.10
CA GLU A 498 14.24 22.20 -17.56
C GLU A 498 13.63 21.40 -16.42
N LEU A 499 14.25 21.45 -15.23
CA LEU A 499 13.70 20.73 -14.07
C LEU A 499 12.31 21.22 -13.70
N SER A 500 12.08 22.53 -13.78
CA SER A 500 10.78 23.07 -13.37
C SER A 500 9.66 22.53 -14.25
N LEU A 501 9.98 22.19 -15.50
CA LEU A 501 8.97 21.66 -16.42
C LEU A 501 8.62 20.20 -16.10
N HIS A 502 9.53 19.46 -15.48
CA HIS A 502 9.22 18.13 -14.97
C HIS A 502 8.22 18.21 -13.82
N THR A 503 7.29 17.26 -13.79
CA THR A 503 6.36 17.17 -12.66
C THR A 503 7.10 16.90 -11.36
N SER A 504 8.03 15.93 -11.40
CA SER A 504 8.82 15.60 -10.21
C SER A 504 9.90 16.65 -9.96
N GLY A 505 10.66 17.01 -11.00
CA GLY A 505 11.73 17.98 -10.89
C GLY A 505 11.31 19.33 -10.33
N SER A 506 10.04 19.70 -10.48
CA SER A 506 9.59 20.99 -9.98
C SER A 506 9.65 21.05 -8.46
N PHE A 507 9.34 19.93 -7.79
CA PHE A 507 9.53 19.88 -6.34
C PHE A 507 10.99 20.08 -5.98
N THR A 508 11.89 19.52 -6.78
CA THR A 508 13.32 19.67 -6.51
C THR A 508 13.76 21.12 -6.65
N VAL A 509 13.24 21.84 -7.66
CA VAL A 509 13.54 23.26 -7.79
C VAL A 509 13.13 24.01 -6.53
N GLU A 510 11.92 23.74 -6.04
CA GLU A 510 11.41 24.35 -4.82
C GLU A 510 12.35 24.10 -3.64
N LYS A 511 12.80 22.86 -3.47
CA LYS A 511 13.56 22.53 -2.28
C LYS A 511 15.00 23.01 -2.39
N CYS A 512 15.55 23.06 -3.61
CA CYS A 512 16.81 23.77 -3.81
C CYS A 512 16.67 25.24 -3.46
N PHE A 513 15.64 25.89 -4.02
CA PHE A 513 15.41 27.31 -3.75
C PHE A 513 15.35 27.57 -2.25
N ASP A 514 14.58 26.76 -1.53
CA ASP A 514 14.44 26.96 -0.09
C ASP A 514 15.76 26.82 0.65
N ALA A 515 16.67 25.98 0.17
CA ALA A 515 17.95 25.75 0.84
C ALA A 515 19.05 26.72 0.42
N CYS A 516 18.75 27.70 -0.43
CA CYS A 516 19.75 28.57 -1.02
C CYS A 516 19.83 29.93 -0.34
N ASN A 517 21.00 30.55 -0.48
CA ASN A 517 21.23 31.95 -0.16
C ASN A 517 20.65 32.84 -1.28
N LEU A 518 20.71 34.16 -1.08
CA LEU A 518 20.12 35.09 -2.05
C LEU A 518 20.72 34.90 -3.44
N THR A 519 22.04 34.70 -3.52
CA THR A 519 22.70 34.59 -4.82
C THR A 519 22.14 33.44 -5.64
N LEU A 520 22.00 32.27 -5.03
CA LEU A 520 21.51 31.14 -5.79
C LEU A 520 20.00 31.19 -5.99
N ARG A 521 19.25 31.79 -5.05
CA ARG A 521 17.83 32.01 -5.29
C ARG A 521 17.61 32.87 -6.52
N GLU A 522 18.41 33.92 -6.68
CA GLU A 522 18.31 34.76 -7.86
C GLU A 522 18.66 34.00 -9.13
N ALA A 523 19.70 33.16 -9.08
CA ALA A 523 20.06 32.36 -10.25
C ALA A 523 18.92 31.42 -10.64
N ILE A 524 18.32 30.74 -9.66
CA ILE A 524 17.18 29.86 -9.95
C ILE A 524 16.02 30.67 -10.52
N ALA A 525 15.71 31.81 -9.90
CA ALA A 525 14.59 32.63 -10.37
C ALA A 525 14.82 33.10 -11.79
N SER A 526 16.06 33.48 -12.10
CA SER A 526 16.42 33.89 -13.45
C SER A 526 16.21 32.77 -14.46
N GLU A 527 16.52 31.53 -14.07
CA GLU A 527 16.36 30.41 -14.99
C GLU A 527 14.88 30.10 -15.23
N LEU A 528 14.05 30.16 -14.19
CA LEU A 528 12.62 29.92 -14.39
C LEU A 528 12.00 31.03 -15.24
N LEU A 529 12.52 32.25 -15.11
CA LEU A 529 12.03 33.36 -15.94
C LEU A 529 12.17 33.04 -17.42
N ASP A 530 13.28 32.42 -17.83
CA ASP A 530 13.50 32.11 -19.23
C ASP A 530 12.50 31.10 -19.78
N VAL A 531 11.89 30.28 -18.95
CA VAL A 531 10.93 29.27 -19.40
C VAL A 531 9.53 29.56 -18.87
N LYS A 532 9.28 30.80 -18.46
CA LYS A 532 8.06 31.13 -17.74
C LYS A 532 6.81 30.82 -18.57
N VAL A 533 6.88 31.02 -19.88
CA VAL A 533 5.74 30.71 -20.74
C VAL A 533 5.41 29.22 -20.68
N ASP A 534 6.38 28.38 -21.03
CA ASP A 534 6.17 26.93 -20.98
C ASP A 534 5.79 26.45 -19.59
N LEU A 535 6.38 27.06 -18.55
CA LEU A 535 6.13 26.60 -17.18
C LEU A 535 4.70 26.85 -16.74
N SER A 536 4.11 27.98 -17.13
CA SER A 536 2.73 28.26 -16.76
C SER A 536 1.75 27.30 -17.41
N LYS A 537 2.16 26.62 -18.47
CA LYS A 537 1.30 25.65 -19.13
C LYS A 537 1.18 24.36 -18.31
N THR A 538 2.19 24.03 -17.49
CA THR A 538 2.23 22.75 -16.80
C THR A 538 1.32 22.78 -15.56
N LYS A 539 1.11 21.58 -14.99
CA LYS A 539 0.23 21.46 -13.84
C LYS A 539 0.80 22.14 -12.60
N GLN A 540 2.11 22.01 -12.40
CA GLN A 540 2.79 22.55 -11.24
C GLN A 540 3.24 24.00 -11.42
N GLY A 541 3.39 24.46 -12.67
CA GLY A 541 3.91 25.77 -13.00
C GLY A 541 3.33 26.92 -12.21
N PRO A 542 2.00 27.09 -12.25
CA PRO A 542 1.39 28.17 -11.48
C PRO A 542 1.80 28.19 -10.02
N TYR A 543 1.85 27.03 -9.36
CA TYR A 543 2.26 27.01 -7.97
C TYR A 543 3.73 27.36 -7.81
N LEU A 544 4.58 26.88 -8.73
CA LEU A 544 6.00 27.22 -8.66
C LEU A 544 6.21 28.72 -8.89
N LEU A 545 5.55 29.27 -9.91
CA LEU A 545 5.71 30.69 -10.22
C LEU A 545 5.25 31.56 -9.06
N ARG A 546 4.20 31.15 -8.34
CA ARG A 546 3.70 31.93 -7.22
C ARG A 546 4.59 31.80 -5.99
N LYS A 547 5.05 30.58 -5.68
CA LYS A 547 5.84 30.37 -4.48
C LYS A 547 7.20 31.07 -4.55
N LEU A 548 7.81 31.12 -5.74
CA LEU A 548 9.07 31.83 -5.92
C LEU A 548 8.86 33.28 -6.36
N ASP A 549 7.62 33.71 -6.56
CA ASP A 549 7.29 35.08 -6.97
C ASP A 549 8.07 35.48 -8.22
N ILE A 550 7.98 34.65 -9.26
CA ILE A 550 8.79 34.88 -10.45
C ILE A 550 8.37 36.18 -11.13
N ASP A 551 7.07 36.49 -11.11
CA ASP A 551 6.61 37.74 -11.69
C ASP A 551 7.21 38.94 -10.97
N GLY A 552 7.28 38.89 -9.63
CA GLY A 552 7.85 39.99 -8.88
C GLY A 552 9.35 40.15 -9.12
N TYR A 553 10.05 39.03 -9.31
CA TYR A 553 11.46 39.11 -9.67
C TYR A 553 11.67 39.80 -11.01
N ALA A 554 10.81 39.49 -11.99
CA ALA A 554 10.94 40.12 -13.30
C ALA A 554 10.64 41.61 -13.25
N SER A 555 9.59 42.00 -12.51
CA SER A 555 9.07 43.35 -12.55
C SER A 555 9.74 44.27 -11.54
N ARG A 556 9.91 43.84 -10.29
CA ARG A 556 10.58 44.63 -9.25
C ARG A 556 11.71 43.83 -8.63
N PRO A 557 12.79 43.58 -9.37
CA PRO A 557 13.85 42.70 -8.85
C PRO A 557 14.46 43.16 -7.53
N ASP A 558 14.57 44.47 -7.29
CA ASP A 558 15.14 44.94 -6.04
C ASP A 558 14.25 44.60 -4.85
N GLN A 559 12.94 44.74 -5.01
CA GLN A 559 12.03 44.40 -3.93
C GLN A 559 11.96 42.89 -3.73
N TRP A 560 11.99 42.12 -4.82
CA TRP A 560 12.02 40.66 -4.71
C TRP A 560 13.22 40.21 -3.88
N LYS A 561 14.40 40.77 -4.17
CA LYS A 561 15.62 40.37 -3.47
C LYS A 561 15.56 40.72 -1.98
N SER A 562 15.09 41.91 -1.63
CA SER A 562 15.06 42.26 -0.21
C SER A 562 14.03 41.43 0.55
N ARG A 563 12.93 41.02 -0.09
CA ARG A 563 12.03 40.10 0.60
C ARG A 563 12.64 38.70 0.71
N GLN A 564 13.39 38.26 -0.31
CA GLN A 564 14.04 36.96 -0.24
C GLN A 564 15.15 36.95 0.80
N GLU A 565 16.00 37.99 0.81
CA GLU A 565 17.08 38.06 1.79
C GLU A 565 16.56 38.09 3.21
N ALA A 566 15.30 38.49 3.41
CA ALA A 566 14.69 38.46 4.74
C ALA A 566 14.17 37.09 5.14
N LYS A 567 14.40 36.05 4.35
CA LYS A 567 13.85 34.71 4.65
C LYS A 567 14.93 33.72 5.08
#